data_4M7K
#
_entry.id   4M7K
#
_cell.length_a   81.770
_cell.length_b   135.510
_cell.length_c   88.250
_cell.angle_alpha   90.00
_cell.angle_beta   90.00
_cell.angle_gamma   90.00
#
_symmetry.space_group_name_H-M   'C 2 2 21'
#
loop_
_entity.id
_entity.type
_entity.pdbx_description
1 polymer '10H10 light chain'
2 polymer '10H10 heavy chain'
3 non-polymer 'CALCIUM ION'
4 non-polymer 'ACETATE ION'
5 water water
#
loop_
_entity_poly.entity_id
_entity_poly.type
_entity_poly.pdbx_seq_one_letter_code
_entity_poly.pdbx_strand_id
1 'polypeptide(L)'
;DIVMTQSPSSLTVTAGEKVTMSCKSSQSLLSSGNQKNYLTWYQQIPGQPPKLLIYWASTRESGVPDRFTGSGSGTDFTLT
INSVQAEDLAVYYCQNDYTYPLTFGAGTKLELKRTVAAPSVFIFPPSDEQLKSGTASVVCLLNNFYPREAKVQWKVDNAL
QSGNSQESVTEQDSKDSTYSLSSTLTLSKADYEKHKVYACEVTHQGLSSPVTKSFNRGEC
;
L
2 'polypeptide(L)'
;(PCA)VHLQQSGAELMKPGASVKISCKASGYTFITYWIEWVKQRPGHGLEWIGDILPGSGSTNYNENFKGKATFTADSSS
NTAYMQLSSLTSEDSAVYYCARSGYYGNSGFAYWGQGTLVTVSAASTKGPSVFPLAPSSKSTSGGTAALGCLVKDYFPEP
VTVSWNSGALTSGVHTFPAVLQSSGLYSLSSVVTVPSSSLGTQTYICNVNHKPSNTKVDKKVEPKSCHHHHHH
;
H
#
# COMPACT_ATOMS: atom_id res chain seq x y z
N ASP A 1 1.87 30.40 -9.29
CA ASP A 1 1.33 29.02 -9.38
C ASP A 1 -0.13 29.00 -8.93
N ILE A 2 -0.90 28.06 -9.48
CA ILE A 2 -2.30 27.89 -9.07
C ILE A 2 -2.38 26.90 -7.90
N VAL A 3 -2.86 27.40 -6.76
CA VAL A 3 -2.96 26.58 -5.55
C VAL A 3 -4.32 25.90 -5.55
N MET A 4 -4.32 24.58 -5.36
CA MET A 4 -5.54 23.78 -5.32
C MET A 4 -5.83 23.37 -3.89
N THR A 5 -7.02 23.71 -3.41
CA THR A 5 -7.40 23.38 -2.04
C THR A 5 -8.62 22.44 -2.01
N GLN A 6 -8.43 21.27 -1.42
CA GLN A 6 -9.51 20.29 -1.35
C GLN A 6 -10.07 20.21 0.06
N SER A 7 -11.38 20.02 0.13
CA SER A 7 -12.06 19.88 1.41
C SER A 7 -13.22 18.91 1.18
N PRO A 8 -13.56 18.09 2.18
CA PRO A 8 -12.91 17.91 3.48
C PRO A 8 -11.58 17.19 3.32
N SER A 9 -10.77 17.22 4.38
CA SER A 9 -9.54 16.45 4.42
C SER A 9 -9.86 14.96 4.40
N SER A 10 -10.89 14.56 5.14
CA SER A 10 -11.38 13.19 5.05
C SER A 10 -12.85 13.15 5.44
N LEU A 11 -13.49 12.04 5.13
CA LEU A 11 -14.90 11.84 5.45
C LEU A 11 -15.20 10.35 5.48
N THR A 12 -16.21 10.00 6.27
CA THR A 12 -16.61 8.62 6.44
C THR A 12 -18.05 8.48 6.04
N VAL A 13 -18.30 7.55 5.11
CA VAL A 13 -19.64 7.38 4.55
C VAL A 13 -20.07 5.92 4.61
N THR A 14 -21.37 5.69 4.76
CA THR A 14 -21.91 4.35 4.68
C THR A 14 -22.15 4.01 3.21
N ALA A 15 -21.83 2.78 2.80
CA ALA A 15 -22.03 2.35 1.41
C ALA A 15 -23.47 2.56 0.99
N GLY A 16 -23.65 3.08 -0.22
CA GLY A 16 -24.98 3.32 -0.75
C GLY A 16 -25.38 4.78 -0.67
N GLU A 17 -24.66 5.56 0.12
CA GLU A 17 -25.02 6.97 0.31
C GLU A 17 -24.24 7.92 -0.60
N LYS A 18 -24.55 9.21 -0.51
CA LYS A 18 -23.98 10.22 -1.41
C LYS A 18 -22.85 10.97 -0.73
N VAL A 19 -21.75 11.20 -1.44
CA VAL A 19 -20.67 12.03 -0.94
C VAL A 19 -20.38 13.19 -1.88
N THR A 20 -20.00 14.32 -1.31
CA THR A 20 -19.66 15.50 -2.07
C THR A 20 -18.34 16.04 -1.53
N MET A 21 -17.41 16.30 -2.43
CA MET A 21 -16.14 16.89 -2.01
C MET A 21 -15.76 18.04 -2.91
N SER A 22 -15.01 18.98 -2.36
CA SER A 22 -14.81 20.26 -3.00
C SER A 22 -13.36 20.44 -3.37
N CYS A 23 -13.15 21.21 -4.44
CA CYS A 23 -11.81 21.53 -4.90
C CYS A 23 -11.86 22.98 -5.35
N LYS A 24 -11.05 23.80 -4.70
CA LYS A 24 -10.96 25.21 -5.03
C LYS A 24 -9.60 25.52 -5.66
N SER A 25 -9.60 26.37 -6.68
CA SER A 25 -8.36 26.85 -7.29
C SER A 25 -8.15 28.32 -6.92
N SER A 26 -6.90 28.70 -6.67
CA SER A 26 -6.57 30.09 -6.31
C SER A 26 -6.77 31.05 -7.49
N GLN A 27 -6.75 30.51 -8.70
CA GLN A 27 -7.02 31.26 -9.92
C GLN A 27 -8.01 30.47 -10.75
N SER A 28 -8.84 31.17 -11.52
CA SER A 28 -9.82 30.53 -12.39
C SER A 28 -9.20 29.52 -13.35
N LEU A 29 -9.87 28.39 -13.50
CA LEU A 29 -9.45 27.35 -14.45
C LEU A 29 -10.33 27.37 -15.68
N LEU A 30 -11.15 28.42 -15.79
CA LEU A 30 -12.02 28.62 -16.95
C LEU A 30 -11.25 29.28 -18.08
N SER A 31 -11.19 28.58 -19.21
CA SER A 31 -10.66 29.16 -20.43
C SER A 31 -11.75 29.95 -21.12
N SER A 32 -11.63 31.28 -21.13
CA SER A 32 -12.53 32.13 -21.90
C SER A 32 -12.29 31.90 -23.39
N GLY A 33 -11.21 31.18 -23.68
CA GLY A 33 -10.84 30.77 -25.03
C GLY A 33 -11.76 29.73 -25.66
N ASN A 34 -12.46 28.95 -24.84
CA ASN A 34 -13.39 27.93 -25.33
C ASN A 34 -14.48 27.46 -24.33
N GLN A 35 -14.53 28.12 -23.18
CA GLN A 35 -15.52 27.84 -22.12
C GLN A 35 -15.38 26.45 -21.45
N LYS A 36 -14.20 25.86 -21.54
CA LYS A 36 -13.88 24.65 -20.77
C LYS A 36 -13.18 25.01 -19.47
N ASN A 37 -13.56 24.33 -18.39
CA ASN A 37 -12.87 24.42 -17.11
C ASN A 37 -11.89 23.27 -17.03
N TYR A 38 -10.59 23.57 -17.06
CA TYR A 38 -9.58 22.52 -17.13
C TYR A 38 -9.19 22.03 -15.75
N LEU A 39 -10.10 21.26 -15.16
CA LEU A 39 -9.93 20.69 -13.84
C LEU A 39 -10.08 19.17 -13.95
N THR A 40 -9.16 18.44 -13.33
CA THR A 40 -9.12 16.98 -13.48
C THR A 40 -9.26 16.29 -12.12
N TRP A 41 -10.01 15.19 -12.07
CA TRP A 41 -10.13 14.40 -10.83
C TRP A 41 -9.51 13.01 -10.96
N TYR A 42 -8.78 12.59 -9.92
CA TYR A 42 -8.22 11.24 -9.83
C TYR A 42 -8.73 10.50 -8.60
N GLN A 43 -8.82 9.18 -8.75
CA GLN A 43 -9.11 8.28 -7.62
C GLN A 43 -7.86 7.43 -7.39
N GLN A 44 -7.35 7.43 -6.16
CA GLN A 44 -6.25 6.53 -5.84
C GLN A 44 -6.62 5.56 -4.75
N ILE A 45 -6.90 4.32 -5.17
CA ILE A 45 -7.25 3.25 -4.26
C ILE A 45 -5.96 2.69 -3.64
N PRO A 46 -6.08 2.00 -2.49
CA PRO A 46 -4.89 1.48 -1.79
C PRO A 46 -3.96 0.62 -2.65
N GLY A 47 -2.67 0.96 -2.62
CA GLY A 47 -1.64 0.18 -3.31
C GLY A 47 -1.57 0.36 -4.82
N GLN A 48 -2.36 1.29 -5.35
CA GLN A 48 -2.43 1.51 -6.78
C GLN A 48 -2.00 2.92 -7.18
N PRO A 49 -1.61 3.10 -8.46
CA PRO A 49 -1.38 4.44 -8.99
C PRO A 49 -2.71 5.18 -9.01
N PRO A 50 -2.67 6.53 -9.07
CA PRO A 50 -3.91 7.27 -9.30
C PRO A 50 -4.58 6.83 -10.60
N LYS A 51 -5.90 6.85 -10.60
CA LYS A 51 -6.70 6.55 -11.77
C LYS A 51 -7.47 7.78 -12.21
N LEU A 52 -7.37 8.12 -13.49
CA LEU A 52 -8.16 9.23 -14.06
C LEU A 52 -9.67 8.96 -13.98
N LEU A 53 -10.41 9.89 -13.36
CA LEU A 53 -11.87 9.77 -13.24
C LEU A 53 -12.61 10.72 -14.16
N ILE A 54 -12.26 12.00 -14.06
CA ILE A 54 -12.98 13.07 -14.74
C ILE A 54 -11.98 14.10 -15.24
N TYR A 55 -12.26 14.66 -16.42
CA TYR A 55 -11.45 15.76 -16.94
C TYR A 55 -12.40 16.84 -17.49
N TRP A 56 -11.85 18.02 -17.77
CA TRP A 56 -12.64 19.20 -18.14
C TRP A 56 -13.78 19.45 -17.16
N ALA A 57 -13.47 19.22 -15.88
CA ALA A 57 -14.38 19.42 -14.74
C ALA A 57 -15.56 18.45 -14.67
N SER A 58 -16.13 18.06 -15.82
CA SER A 58 -17.39 17.32 -15.84
C SER A 58 -17.46 16.12 -16.79
N THR A 59 -16.43 15.90 -17.60
CA THR A 59 -16.46 14.76 -18.53
C THR A 59 -15.82 13.51 -17.94
N ARG A 60 -16.60 12.43 -17.84
CA ARG A 60 -16.07 11.17 -17.34
C ARG A 60 -15.17 10.48 -18.35
N GLU A 61 -14.08 9.92 -17.86
CA GLU A 61 -13.23 9.04 -18.64
C GLU A 61 -14.03 7.78 -18.94
N SER A 62 -13.86 7.24 -20.14
CA SER A 62 -14.58 6.02 -20.54
C SER A 62 -14.30 4.91 -19.55
N GLY A 63 -15.35 4.20 -19.14
CA GLY A 63 -15.24 3.13 -18.17
C GLY A 63 -15.62 3.55 -16.76
N VAL A 64 -15.67 4.86 -16.53
CA VAL A 64 -16.03 5.41 -15.20
C VAL A 64 -17.54 5.47 -15.02
N PRO A 65 -18.07 4.82 -13.96
CA PRO A 65 -19.51 4.75 -13.73
C PRO A 65 -20.16 6.13 -13.63
N ASP A 66 -21.42 6.20 -14.06
CA ASP A 66 -22.14 7.47 -14.10
C ASP A 66 -22.48 8.01 -12.71
N ARG A 67 -22.26 7.21 -11.68
CA ARG A 67 -22.51 7.70 -10.30
C ARG A 67 -21.42 8.67 -9.81
N PHE A 68 -20.34 8.81 -10.59
CA PHE A 68 -19.35 9.85 -10.34
C PHE A 68 -19.73 11.05 -11.20
N THR A 69 -19.94 12.20 -10.58
CA THR A 69 -20.29 13.41 -11.33
C THR A 69 -19.38 14.56 -10.92
N GLY A 70 -18.74 15.18 -11.90
CA GLY A 70 -17.95 16.38 -11.65
C GLY A 70 -18.75 17.59 -12.03
N SER A 71 -18.69 18.63 -11.21
CA SER A 71 -19.40 19.87 -11.52
C SER A 71 -18.59 21.09 -11.11
N GLY A 72 -19.07 22.26 -11.50
CA GLY A 72 -18.46 23.52 -11.07
C GLY A 72 -17.87 24.31 -12.22
N SER A 73 -17.39 25.50 -11.89
CA SER A 73 -16.83 26.43 -12.85
C SER A 73 -15.91 27.42 -12.18
N GLY A 74 -14.93 27.93 -12.93
CA GLY A 74 -14.04 28.97 -12.46
C GLY A 74 -13.06 28.51 -11.39
N THR A 75 -13.42 28.75 -10.13
CA THR A 75 -12.56 28.43 -8.98
C THR A 75 -13.21 27.46 -7.98
N ASP A 76 -14.43 27.01 -8.25
CA ASP A 76 -15.18 26.17 -7.31
C ASP A 76 -15.68 24.91 -8.00
N PHE A 77 -15.09 23.77 -7.62
CA PHE A 77 -15.42 22.50 -8.24
C PHE A 77 -15.84 21.47 -7.22
N THR A 78 -16.66 20.51 -7.66
CA THR A 78 -17.23 19.49 -6.80
C THR A 78 -17.18 18.13 -7.49
N LEU A 79 -16.74 17.12 -6.76
CA LEU A 79 -16.92 15.74 -7.19
C LEU A 79 -18.02 15.15 -6.32
N THR A 80 -19.02 14.57 -6.97
CA THR A 80 -20.11 13.90 -6.27
C THR A 80 -20.07 12.42 -6.59
N ILE A 81 -20.15 11.59 -5.56
CA ILE A 81 -20.28 10.15 -5.76
C ILE A 81 -21.61 9.72 -5.17
N ASN A 82 -22.52 9.31 -6.05
CA ASN A 82 -23.79 8.74 -5.61
C ASN A 82 -23.65 7.24 -5.40
N SER A 83 -24.55 6.66 -4.60
CA SER A 83 -24.54 5.21 -4.34
C SER A 83 -23.14 4.68 -4.07
N VAL A 84 -22.41 5.34 -3.17
CA VAL A 84 -21.03 4.96 -2.86
C VAL A 84 -20.87 3.46 -2.64
N GLN A 85 -19.85 2.88 -3.26
CA GLN A 85 -19.58 1.45 -3.10
C GLN A 85 -18.37 1.23 -2.22
N ALA A 86 -18.30 0.08 -1.55
CA ALA A 86 -17.11 -0.26 -0.76
C ALA A 86 -15.81 -0.05 -1.56
N GLU A 87 -15.84 -0.40 -2.85
CA GLU A 87 -14.64 -0.29 -3.72
C GLU A 87 -14.23 1.15 -4.04
N ASP A 88 -15.05 2.11 -3.65
CA ASP A 88 -14.75 3.53 -3.86
C ASP A 88 -13.81 4.09 -2.81
N LEU A 89 -13.50 3.26 -1.81
CA LEU A 89 -12.50 3.60 -0.81
C LEU A 89 -11.21 4.04 -1.51
N ALA A 90 -10.79 5.29 -1.24
CA ALA A 90 -9.69 5.93 -1.98
C ALA A 90 -9.39 7.31 -1.44
N VAL A 91 -8.27 7.87 -1.89
CA VAL A 91 -8.03 9.31 -1.79
C VAL A 91 -8.31 9.89 -3.17
N TYR A 92 -9.13 10.94 -3.21
CA TYR A 92 -9.49 11.63 -4.46
C TYR A 92 -8.71 12.92 -4.55
N TYR A 93 -8.03 13.12 -5.68
CA TYR A 93 -7.22 14.32 -5.90
C TYR A 93 -7.78 15.12 -7.05
N CYS A 94 -7.80 16.44 -6.92
CA CYS A 94 -8.05 17.30 -8.08
C CYS A 94 -6.74 17.88 -8.58
N GLN A 95 -6.76 18.33 -9.83
CA GLN A 95 -5.56 18.81 -10.47
C GLN A 95 -5.86 19.96 -11.44
N ASN A 96 -5.14 21.06 -11.26
CA ASN A 96 -5.04 22.12 -12.26
C ASN A 96 -4.45 21.56 -13.56
N ASP A 97 -5.29 21.52 -14.60
CA ASP A 97 -4.90 21.02 -15.92
C ASP A 97 -4.95 22.17 -16.92
N TYR A 98 -4.77 23.39 -16.41
CA TYR A 98 -4.94 24.61 -17.20
C TYR A 98 -3.60 25.25 -17.61
N THR A 99 -2.81 25.65 -16.62
CA THR A 99 -1.52 26.31 -16.87
C THR A 99 -0.40 25.73 -16.03
N TYR A 100 0.80 25.73 -16.61
CA TYR A 100 2.00 25.32 -15.91
C TYR A 100 2.35 26.30 -14.79
N PRO A 101 2.90 25.81 -13.66
CA PRO A 101 3.12 24.40 -13.36
C PRO A 101 1.80 23.70 -13.01
N LEU A 102 1.65 22.46 -13.43
CA LEU A 102 0.46 21.69 -13.06
C LEU A 102 0.55 21.41 -11.56
N THR A 103 -0.58 21.51 -10.87
CA THR A 103 -0.59 21.41 -9.40
C THR A 103 -1.74 20.54 -8.95
N PHE A 104 -1.55 19.82 -7.84
CA PHE A 104 -2.57 18.93 -7.27
C PHE A 104 -3.10 19.48 -5.96
N GLY A 105 -4.36 19.20 -5.65
CA GLY A 105 -4.86 19.37 -4.29
C GLY A 105 -4.22 18.35 -3.36
N ALA A 106 -4.38 18.56 -2.06
CA ALA A 106 -3.79 17.67 -1.06
C ALA A 106 -4.59 16.38 -0.84
N GLY A 107 -5.74 16.27 -1.50
CA GLY A 107 -6.50 15.02 -1.47
C GLY A 107 -7.65 15.04 -0.47
N THR A 108 -8.68 14.24 -0.75
CA THR A 108 -9.77 13.95 0.18
C THR A 108 -9.83 12.44 0.36
N LYS A 109 -9.63 12.00 1.60
CA LYS A 109 -9.62 10.57 1.91
C LYS A 109 -11.05 10.09 2.20
N LEU A 110 -11.52 9.15 1.39
CA LEU A 110 -12.87 8.59 1.58
C LEU A 110 -12.76 7.29 2.36
N GLU A 111 -13.42 7.25 3.52
CA GLU A 111 -13.42 6.07 4.36
C GLU A 111 -14.85 5.54 4.43
N LEU A 112 -14.98 4.25 4.65
CA LEU A 112 -16.28 3.62 4.70
C LEU A 112 -16.68 3.26 6.12
N LYS A 113 -17.95 3.48 6.41
CA LYS A 113 -18.56 3.07 7.65
C LYS A 113 -19.47 1.88 7.36
N ARG A 114 -19.42 0.87 8.22
CA ARG A 114 -20.22 -0.35 8.06
C ARG A 114 -20.60 -0.85 9.46
N THR A 115 -21.37 -1.94 9.51
CA THR A 115 -21.73 -2.55 10.79
C THR A 115 -20.50 -3.05 11.55
N VAL A 116 -20.56 -2.98 12.88
CA VAL A 116 -19.48 -3.45 13.73
C VAL A 116 -19.18 -4.93 13.43
N ALA A 117 -17.91 -5.25 13.26
CA ALA A 117 -17.48 -6.61 13.02
C ALA A 117 -16.34 -6.97 13.96
N ALA A 118 -16.55 -8.03 14.74
CA ALA A 118 -15.55 -8.50 15.69
C ALA A 118 -14.40 -9.20 14.95
N PRO A 119 -13.16 -9.04 15.43
CA PRO A 119 -12.04 -9.74 14.78
C PRO A 119 -12.04 -11.25 15.05
N SER A 120 -11.70 -12.03 14.02
CA SER A 120 -11.32 -13.42 14.21
C SER A 120 -9.86 -13.42 14.65
N VAL A 121 -9.56 -14.10 15.75
CA VAL A 121 -8.22 -14.03 16.33
C VAL A 121 -7.48 -15.36 16.18
N PHE A 122 -6.26 -15.26 15.65
CA PHE A 122 -5.42 -16.40 15.40
C PHE A 122 -4.05 -16.17 16.02
N ILE A 123 -3.39 -17.25 16.43
CA ILE A 123 -2.04 -17.16 16.99
C ILE A 123 -1.09 -18.18 16.37
N PHE A 124 0.15 -17.76 16.15
CA PHE A 124 1.18 -18.59 15.54
C PHE A 124 2.41 -18.68 16.44
N PRO A 125 2.78 -19.92 16.85
CA PRO A 125 4.06 -20.15 17.53
C PRO A 125 5.21 -19.84 16.56
N PRO A 126 6.44 -19.65 17.08
CA PRO A 126 7.57 -19.47 16.15
C PRO A 126 7.87 -20.75 15.36
N SER A 127 8.46 -20.59 14.18
CA SER A 127 8.86 -21.73 13.37
C SER A 127 10.10 -22.37 13.96
N ASP A 128 10.28 -23.66 13.66
CA ASP A 128 11.49 -24.38 14.04
C ASP A 128 12.72 -23.77 13.36
N GLU A 129 12.55 -23.32 12.12
CA GLU A 129 13.66 -22.73 11.37
C GLU A 129 14.12 -21.36 11.89
N GLN A 130 13.20 -20.57 12.46
CA GLN A 130 13.60 -19.31 13.10
C GLN A 130 14.31 -19.58 14.41
N LEU A 131 13.79 -20.54 15.19
CA LEU A 131 14.36 -20.91 16.47
C LEU A 131 15.81 -21.36 16.33
N LYS A 132 16.10 -22.10 15.25
CA LYS A 132 17.47 -22.51 14.91
C LYS A 132 18.41 -21.30 14.84
N SER A 133 17.93 -20.20 14.26
CA SER A 133 18.72 -18.98 14.10
C SER A 133 18.82 -18.14 15.38
N GLY A 134 18.17 -18.60 16.44
CA GLY A 134 18.32 -18.00 17.77
C GLY A 134 17.30 -16.94 18.18
N THR A 135 16.21 -16.85 17.43
CA THR A 135 15.17 -15.85 17.67
C THR A 135 13.79 -16.49 17.57
N ALA A 136 12.83 -15.91 18.28
CA ALA A 136 11.45 -16.42 18.32
C ALA A 136 10.44 -15.30 18.12
N SER A 137 9.73 -15.34 17.01
CA SER A 137 8.65 -14.40 16.74
C SER A 137 7.32 -15.10 16.86
N VAL A 138 6.47 -14.58 17.74
CA VAL A 138 5.11 -15.07 17.93
C VAL A 138 4.17 -14.06 17.29
N VAL A 139 3.29 -14.53 16.40
CA VAL A 139 2.38 -13.63 15.67
C VAL A 139 0.93 -13.83 16.08
N CYS A 140 0.28 -12.73 16.45
CA CYS A 140 -1.17 -12.71 16.70
C CYS A 140 -1.88 -11.92 15.60
N LEU A 141 -2.84 -12.57 14.93
CA LEU A 141 -3.56 -11.97 13.81
C LEU A 141 -5.02 -11.68 14.19
N LEU A 142 -5.42 -10.41 14.03
CA LEU A 142 -6.82 -9.98 14.15
C LEU A 142 -7.36 -9.77 12.74
N ASN A 143 -8.30 -10.62 12.33
CA ASN A 143 -8.75 -10.61 10.95
C ASN A 143 -10.15 -10.05 10.76
N ASN A 144 -10.27 -9.09 9.86
CA ASN A 144 -11.55 -8.60 9.35
C ASN A 144 -12.45 -7.98 10.40
N PHE A 145 -11.99 -6.88 11.00
CA PHE A 145 -12.77 -6.19 12.02
C PHE A 145 -13.15 -4.75 11.65
N TYR A 146 -14.23 -4.27 12.28
CA TYR A 146 -14.67 -2.89 12.14
C TYR A 146 -15.38 -2.49 13.44
N PRO A 147 -15.10 -1.29 13.98
CA PRO A 147 -14.22 -0.23 13.46
C PRO A 147 -12.74 -0.50 13.75
N ARG A 148 -11.89 0.45 13.37
CA ARG A 148 -10.43 0.29 13.40
C ARG A 148 -9.88 0.12 14.82
N GLU A 149 -10.44 0.84 15.78
CA GLU A 149 -9.97 0.81 17.17
C GLU A 149 -9.89 -0.61 17.73
N ALA A 150 -8.69 -0.99 18.18
CA ALA A 150 -8.46 -2.30 18.79
C ALA A 150 -7.23 -2.25 19.69
N LYS A 151 -7.29 -3.03 20.77
CA LYS A 151 -6.15 -3.15 21.69
C LYS A 151 -5.68 -4.60 21.75
N VAL A 152 -4.39 -4.79 21.51
CA VAL A 152 -3.76 -6.10 21.57
C VAL A 152 -2.69 -6.06 22.65
N GLN A 153 -2.77 -6.99 23.59
CA GLN A 153 -1.79 -7.10 24.66
C GLN A 153 -1.21 -8.51 24.67
N TRP A 154 0.11 -8.58 24.81
CA TRP A 154 0.81 -9.85 24.94
C TRP A 154 0.99 -10.20 26.41
N LYS A 155 0.68 -11.44 26.76
CA LYS A 155 0.94 -11.97 28.09
C LYS A 155 1.82 -13.22 27.97
N VAL A 156 2.90 -13.22 28.76
CA VAL A 156 3.79 -14.38 28.84
C VAL A 156 3.79 -14.85 30.29
N ASP A 157 3.23 -16.05 30.51
CA ASP A 157 2.97 -16.57 31.86
C ASP A 157 2.29 -15.51 32.74
N ASN A 158 1.20 -14.94 32.21
CA ASN A 158 0.38 -13.93 32.89
C ASN A 158 1.05 -12.56 33.11
N ALA A 159 2.29 -12.42 32.67
CA ALA A 159 3.01 -11.15 32.78
C ALA A 159 2.85 -10.29 31.52
N LEU A 160 2.33 -9.08 31.69
CA LEU A 160 2.09 -8.16 30.58
C LEU A 160 3.40 -7.67 29.97
N GLN A 161 3.48 -7.75 28.65
CA GLN A 161 4.69 -7.40 27.91
C GLN A 161 4.64 -5.96 27.39
N SER A 162 5.81 -5.35 27.30
CA SER A 162 5.96 -4.00 26.75
C SER A 162 7.32 -3.83 26.07
N GLY A 163 7.31 -3.16 24.91
CA GLY A 163 8.54 -2.79 24.21
C GLY A 163 9.16 -3.89 23.35
N ASN A 164 8.56 -5.07 23.35
CA ASN A 164 9.06 -6.19 22.55
C ASN A 164 8.10 -6.70 21.48
N SER A 165 7.05 -5.90 21.23
CA SER A 165 6.09 -6.21 20.17
C SER A 165 5.90 -5.06 19.19
N GLN A 166 5.62 -5.40 17.94
CA GLN A 166 5.28 -4.42 16.92
C GLN A 166 3.97 -4.76 16.21
N GLU A 167 3.27 -3.72 15.77
CA GLU A 167 1.89 -3.83 15.27
C GLU A 167 1.73 -3.19 13.87
N SER A 168 1.01 -3.86 12.98
CA SER A 168 0.75 -3.35 11.64
C SER A 168 -0.73 -3.50 11.30
N VAL A 169 -1.29 -2.51 10.61
CA VAL A 169 -2.71 -2.52 10.24
C VAL A 169 -2.90 -2.23 8.75
N THR A 170 -3.70 -3.07 8.09
CA THR A 170 -4.02 -2.88 6.68
C THR A 170 -4.94 -1.67 6.49
N GLU A 171 -5.00 -1.17 5.26
CA GLU A 171 -6.01 -0.19 4.88
C GLU A 171 -7.35 -0.92 4.79
N GLN A 172 -8.46 -0.20 4.94
CA GLN A 172 -9.78 -0.80 4.80
C GLN A 172 -9.90 -1.64 3.55
N ASP A 173 -10.55 -2.79 3.67
CA ASP A 173 -10.70 -3.72 2.56
C ASP A 173 -11.66 -3.15 1.50
N SER A 174 -11.32 -3.35 0.23
CA SER A 174 -12.11 -2.79 -0.88
C SER A 174 -13.46 -3.48 -1.07
N LYS A 175 -13.60 -4.68 -0.50
CA LYS A 175 -14.86 -5.41 -0.61
C LYS A 175 -15.75 -5.34 0.64
N ASP A 176 -15.16 -5.55 1.82
CA ASP A 176 -15.98 -5.63 3.04
C ASP A 176 -15.75 -4.52 4.05
N SER A 177 -14.86 -3.58 3.71
CA SER A 177 -14.60 -2.38 4.50
C SER A 177 -14.02 -2.63 5.91
N THR A 178 -13.47 -3.84 6.12
CA THR A 178 -12.85 -4.19 7.39
C THR A 178 -11.35 -3.93 7.39
N TYR A 179 -10.77 -3.99 8.59
CA TYR A 179 -9.33 -3.87 8.79
C TYR A 179 -8.83 -5.21 9.30
N SER A 180 -7.54 -5.47 9.10
CA SER A 180 -6.88 -6.56 9.78
C SER A 180 -5.63 -6.01 10.44
N LEU A 181 -5.17 -6.71 11.47
CA LEU A 181 -4.08 -6.22 12.31
C LEU A 181 -3.18 -7.38 12.71
N SER A 182 -1.88 -7.15 12.67
CA SER A 182 -0.90 -8.14 13.09
C SER A 182 -0.17 -7.60 14.30
N SER A 183 0.09 -8.47 15.27
CA SER A 183 0.92 -8.12 16.41
C SER A 183 1.98 -9.19 16.57
N THR A 184 3.23 -8.78 16.46
CA THR A 184 4.35 -9.70 16.49
C THR A 184 5.15 -9.46 17.76
N LEU A 185 5.26 -10.50 18.57
CA LEU A 185 6.11 -10.47 19.77
C LEU A 185 7.44 -11.15 19.42
N THR A 186 8.55 -10.48 19.71
CA THR A 186 9.87 -11.02 19.36
C THR A 186 10.82 -11.08 20.57
N LEU A 187 11.32 -12.29 20.83
CA LEU A 187 12.31 -12.52 21.89
C LEU A 187 13.38 -13.50 21.43
N SER A 188 14.49 -13.57 22.18
CA SER A 188 15.57 -14.50 21.87
C SER A 188 15.12 -15.94 22.13
N LYS A 189 15.80 -16.90 21.50
CA LYS A 189 15.54 -18.32 21.71
C LYS A 189 15.61 -18.67 23.20
N ALA A 190 16.68 -18.20 23.86
CA ALA A 190 16.89 -18.44 25.29
C ALA A 190 15.74 -17.91 26.15
N ASP A 191 15.33 -16.66 25.90
CA ASP A 191 14.24 -16.02 26.66
C ASP A 191 12.89 -16.68 26.42
N TYR A 192 12.68 -17.11 25.19
CA TYR A 192 11.49 -17.86 24.81
C TYR A 192 11.38 -19.19 25.57
N GLU A 193 12.50 -19.90 25.70
CA GLU A 193 12.54 -21.20 26.37
C GLU A 193 12.49 -21.13 27.91
N LYS A 194 12.33 -19.91 28.44
CA LYS A 194 12.20 -19.70 29.88
C LYS A 194 10.74 -19.71 30.33
N HIS A 195 9.81 -19.73 29.37
CA HIS A 195 8.39 -19.50 29.65
C HIS A 195 7.46 -20.55 29.04
N LYS A 196 6.26 -20.65 29.59
CA LYS A 196 5.29 -21.64 29.14
C LYS A 196 4.19 -21.04 28.26
N VAL A 197 3.38 -20.16 28.85
CA VAL A 197 2.17 -19.65 28.22
C VAL A 197 2.44 -18.35 27.45
N TYR A 198 2.09 -18.36 26.17
CA TYR A 198 2.17 -17.18 25.32
C TYR A 198 0.77 -16.82 24.87
N ALA A 199 0.29 -15.66 25.32
CA ALA A 199 -1.11 -15.28 25.15
C ALA A 199 -1.27 -13.91 24.50
N CYS A 200 -2.23 -13.81 23.58
CA CYS A 200 -2.60 -12.56 22.92
C CYS A 200 -3.98 -12.15 23.42
N GLU A 201 -4.07 -10.96 24.03
CA GLU A 201 -5.34 -10.47 24.58
C GLU A 201 -5.90 -9.32 23.73
N VAL A 202 -7.12 -9.51 23.23
CA VAL A 202 -7.71 -8.60 22.25
C VAL A 202 -8.96 -7.89 22.78
N THR A 203 -8.92 -6.57 22.81
CA THR A 203 -10.07 -5.73 23.14
C THR A 203 -10.60 -5.06 21.87
N HIS A 204 -11.90 -5.22 21.61
CA HIS A 204 -12.59 -4.59 20.47
C HIS A 204 -14.09 -4.45 20.78
N GLN A 205 -14.74 -3.48 20.15
CA GLN A 205 -16.18 -3.22 20.32
C GLN A 205 -17.10 -4.39 19.96
N GLY A 206 -16.73 -5.14 18.93
CA GLY A 206 -17.49 -6.31 18.51
C GLY A 206 -17.40 -7.47 19.49
N LEU A 207 -16.60 -7.28 20.54
CA LEU A 207 -16.39 -8.28 21.57
C LEU A 207 -16.99 -7.79 22.88
N SER A 208 -17.93 -8.55 23.43
CA SER A 208 -18.58 -8.19 24.70
C SER A 208 -17.57 -8.13 25.85
N SER A 209 -16.59 -9.03 25.80
CA SER A 209 -15.48 -9.06 26.75
C SER A 209 -14.19 -9.45 26.00
N PRO A 210 -13.04 -8.86 26.40
CA PRO A 210 -11.73 -9.18 25.82
C PRO A 210 -11.49 -10.68 25.59
N VAL A 211 -10.86 -11.00 24.46
CA VAL A 211 -10.63 -12.38 24.04
C VAL A 211 -9.14 -12.72 24.13
N THR A 212 -8.84 -13.93 24.64
CA THR A 212 -7.47 -14.40 24.77
C THR A 212 -7.23 -15.65 23.92
N LYS A 213 -6.24 -15.58 23.03
CA LYS A 213 -5.75 -16.74 22.30
C LYS A 213 -4.34 -17.05 22.81
N SER A 214 -4.12 -18.30 23.21
CA SER A 214 -2.86 -18.70 23.81
C SER A 214 -2.43 -20.11 23.41
N PHE A 215 -1.16 -20.42 23.64
CA PHE A 215 -0.64 -21.78 23.50
C PHE A 215 0.44 -22.02 24.55
N ASN A 216 0.65 -23.28 24.90
CA ASN A 216 1.79 -23.67 25.72
C ASN A 216 2.98 -23.94 24.83
N ARG A 217 4.16 -23.45 25.23
CA ARG A 217 5.38 -23.67 24.47
C ARG A 217 5.55 -25.17 24.17
N GLY A 218 5.82 -25.47 22.91
CA GLY A 218 6.02 -26.85 22.46
C GLY A 218 4.76 -27.61 22.07
N GLU A 219 3.59 -27.03 22.41
CA GLU A 219 2.30 -27.66 22.15
C GLU A 219 2.01 -27.88 20.66
N CYS A 220 2.47 -26.94 19.83
CA CYS A 220 2.30 -27.04 18.39
C CYS A 220 3.64 -26.93 17.67
N VAL B 2 -2.33 0.90 -24.23
CA VAL B 2 -1.28 1.78 -23.70
C VAL B 2 -0.72 1.20 -22.40
N HIS B 3 0.61 1.11 -22.31
CA HIS B 3 1.28 0.65 -21.10
C HIS B 3 2.54 1.47 -20.78
N LEU B 4 2.72 1.79 -19.51
CA LEU B 4 3.94 2.44 -19.03
C LEU B 4 4.64 1.56 -18.00
N GLN B 5 5.87 1.17 -18.29
CA GLN B 5 6.60 0.25 -17.42
C GLN B 5 7.82 0.92 -16.79
N GLN B 6 7.77 1.08 -15.48
CA GLN B 6 8.87 1.74 -14.76
C GLN B 6 9.89 0.74 -14.27
N SER B 7 11.08 1.24 -14.00
CA SER B 7 12.17 0.45 -13.49
C SER B 7 11.94 0.13 -12.01
N GLY B 8 12.71 -0.84 -11.50
CA GLY B 8 12.52 -1.35 -10.14
C GLY B 8 12.93 -0.40 -9.04
N ALA B 9 12.52 -0.73 -7.81
CA ALA B 9 12.89 0.03 -6.61
C ALA B 9 14.40 0.20 -6.51
N GLU B 10 14.83 1.32 -5.95
CA GLU B 10 16.26 1.60 -5.81
C GLU B 10 16.67 2.18 -4.46
N LEU B 11 17.86 1.77 -4.00
CA LEU B 11 18.52 2.38 -2.87
C LEU B 11 19.74 3.14 -3.35
N MET B 12 19.92 4.37 -2.86
CA MET B 12 21.13 5.15 -3.12
C MET B 12 21.51 5.92 -1.86
N LYS B 13 22.81 6.20 -1.71
CA LYS B 13 23.30 6.93 -0.55
C LYS B 13 23.02 8.43 -0.70
N PRO B 14 22.95 9.17 0.43
CA PRO B 14 22.80 10.61 0.35
C PRO B 14 23.90 11.26 -0.51
N GLY B 15 23.52 12.26 -1.30
CA GLY B 15 24.46 12.96 -2.18
C GLY B 15 24.67 12.35 -3.55
N ALA B 16 24.20 11.11 -3.73
CA ALA B 16 24.33 10.42 -5.01
C ALA B 16 23.15 10.74 -5.94
N SER B 17 23.05 10.00 -7.03
CA SER B 17 21.98 10.19 -7.99
C SER B 17 21.25 8.88 -8.28
N VAL B 18 20.01 9.00 -8.77
CA VAL B 18 19.26 7.84 -9.23
C VAL B 18 18.63 8.18 -10.57
N LYS B 19 18.47 7.18 -11.44
CA LYS B 19 17.79 7.40 -12.70
C LYS B 19 16.66 6.37 -12.88
N ILE B 20 15.45 6.88 -13.05
CA ILE B 20 14.26 6.03 -13.17
C ILE B 20 13.83 6.02 -14.63
N SER B 21 13.51 4.83 -15.15
CA SER B 21 13.04 4.71 -16.52
C SER B 21 11.54 4.48 -16.61
N CYS B 22 10.96 4.83 -17.75
CA CYS B 22 9.54 4.71 -18.01
C CYS B 22 9.36 4.31 -19.46
N LYS B 23 9.18 3.01 -19.68
CA LYS B 23 9.03 2.46 -21.03
C LYS B 23 7.59 2.47 -21.48
N ALA B 24 7.34 3.15 -22.59
CA ALA B 24 6.01 3.29 -23.17
C ALA B 24 5.77 2.29 -24.30
N SER B 25 4.52 1.84 -24.40
CA SER B 25 4.10 1.01 -25.53
C SER B 25 2.62 1.22 -25.85
N GLY B 26 2.24 0.84 -27.07
CA GLY B 26 0.84 0.85 -27.49
C GLY B 26 0.33 2.19 -27.99
N TYR B 27 1.24 3.12 -28.25
CA TYR B 27 0.89 4.43 -28.82
C TYR B 27 2.12 5.10 -29.42
N THR B 28 1.90 6.19 -30.15
CA THR B 28 2.98 6.95 -30.77
C THR B 28 3.67 7.82 -29.72
N PHE B 29 4.88 7.41 -29.35
CA PHE B 29 5.63 7.97 -28.23
C PHE B 29 5.82 9.49 -28.27
N ILE B 30 6.10 10.03 -29.46
CA ILE B 30 6.40 11.47 -29.59
C ILE B 30 5.16 12.37 -29.58
N THR B 31 3.98 11.77 -29.59
CA THR B 31 2.73 12.54 -29.65
C THR B 31 2.27 13.07 -28.28
N TYR B 32 2.70 12.42 -27.20
CA TYR B 32 2.13 12.68 -25.86
C TYR B 32 3.18 13.07 -24.83
N TRP B 33 2.80 13.95 -23.92
CA TRP B 33 3.63 14.37 -22.81
C TRP B 33 3.82 13.25 -21.80
N ILE B 34 5.04 13.09 -21.31
CA ILE B 34 5.29 12.19 -20.19
C ILE B 34 5.42 13.04 -18.94
N GLU B 35 4.60 12.73 -17.94
CA GLU B 35 4.53 13.48 -16.69
C GLU B 35 5.24 12.72 -15.58
N TRP B 36 5.84 13.47 -14.65
CA TRP B 36 6.48 12.86 -13.51
C TRP B 36 5.89 13.39 -12.21
N VAL B 37 5.53 12.47 -11.32
CA VAL B 37 4.82 12.78 -10.08
C VAL B 37 5.51 12.10 -8.88
N LYS B 38 5.66 12.86 -7.79
CA LYS B 38 6.28 12.35 -6.57
C LYS B 38 5.20 12.08 -5.54
N GLN B 39 5.28 10.92 -4.88
CA GLN B 39 4.38 10.62 -3.78
C GLN B 39 5.10 10.06 -2.55
N ARG B 40 5.15 10.88 -1.50
CA ARG B 40 5.54 10.40 -0.17
C ARG B 40 4.33 10.48 0.77
N PRO B 41 4.22 9.54 1.72
CA PRO B 41 3.14 9.54 2.70
C PRO B 41 2.99 10.90 3.42
N GLY B 42 1.75 11.37 3.52
CA GLY B 42 1.45 12.64 4.17
C GLY B 42 1.65 13.87 3.29
N HIS B 43 2.07 13.64 2.05
CA HIS B 43 2.34 14.74 1.11
C HIS B 43 1.59 14.60 -0.21
N GLY B 44 0.58 13.70 -0.25
CA GLY B 44 -0.26 13.51 -1.44
C GLY B 44 0.57 13.36 -2.71
N LEU B 45 0.05 13.89 -3.81
CA LEU B 45 0.74 13.89 -5.10
C LEU B 45 1.41 15.22 -5.33
N GLU B 46 2.63 15.18 -5.84
CA GLU B 46 3.35 16.40 -6.18
C GLU B 46 3.87 16.33 -7.60
N TRP B 47 3.55 17.34 -8.39
CA TRP B 47 3.98 17.36 -9.78
C TRP B 47 5.43 17.82 -9.86
N ILE B 48 6.24 17.02 -10.55
CA ILE B 48 7.66 17.31 -10.73
C ILE B 48 7.87 18.09 -12.02
N GLY B 49 7.29 17.59 -13.11
CA GLY B 49 7.40 18.24 -14.41
C GLY B 49 7.06 17.30 -15.54
N ASP B 50 7.32 17.73 -16.77
CA ASP B 50 7.03 16.88 -17.91
C ASP B 50 7.95 17.13 -19.10
N ILE B 51 7.83 16.26 -20.09
CA ILE B 51 8.65 16.30 -21.29
C ILE B 51 7.80 15.76 -22.44
N LEU B 52 7.94 16.38 -23.60
CA LEU B 52 7.36 15.87 -24.83
C LEU B 52 8.49 15.20 -25.63
N PRO B 53 8.47 13.86 -25.71
CA PRO B 53 9.60 13.14 -26.32
C PRO B 53 9.83 13.54 -27.76
N GLY B 54 11.09 13.69 -28.14
CA GLY B 54 11.45 14.05 -29.50
C GLY B 54 11.51 15.55 -29.74
N SER B 55 10.81 16.32 -28.91
CA SER B 55 10.80 17.78 -29.02
C SER B 55 11.87 18.43 -28.14
N GLY B 56 12.25 17.74 -27.07
CA GLY B 56 13.13 18.29 -26.06
C GLY B 56 12.46 19.28 -25.10
N SER B 57 11.19 19.60 -25.34
CA SER B 57 10.46 20.55 -24.50
C SER B 57 10.15 19.97 -23.14
N THR B 58 10.57 20.68 -22.10
CA THR B 58 10.33 20.26 -20.72
C THR B 58 9.64 21.37 -19.94
N ASN B 59 8.96 20.99 -18.87
CA ASN B 59 8.37 21.95 -17.95
C ASN B 59 8.59 21.45 -16.54
N TYR B 60 8.96 22.37 -15.64
CA TYR B 60 9.30 22.01 -14.27
C TYR B 60 8.40 22.65 -13.23
N ASN B 61 8.18 21.90 -12.15
CA ASN B 61 7.86 22.49 -10.88
C ASN B 61 9.17 23.11 -10.44
N GLU B 62 9.20 24.44 -10.30
CA GLU B 62 10.42 25.19 -9.93
C GLU B 62 11.13 24.67 -8.67
N ASN B 63 10.36 24.05 -7.76
CA ASN B 63 10.94 23.37 -6.60
C ASN B 63 11.82 22.15 -6.95
N PHE B 64 11.73 21.68 -8.21
CA PHE B 64 12.55 20.56 -8.66
C PHE B 64 13.64 20.97 -9.65
N LYS B 65 13.73 22.26 -9.94
CA LYS B 65 14.82 22.81 -10.74
C LYS B 65 16.12 22.61 -9.96
N GLY B 66 17.09 21.95 -10.58
CA GLY B 66 18.34 21.58 -9.91
C GLY B 66 18.32 20.22 -9.25
N LYS B 67 17.15 19.57 -9.25
CA LYS B 67 16.99 18.24 -8.67
C LYS B 67 16.68 17.18 -9.73
N ALA B 68 15.67 17.43 -10.55
CA ALA B 68 15.23 16.47 -11.55
C ALA B 68 15.66 16.89 -12.95
N THR B 69 16.07 15.91 -13.75
CA THR B 69 16.41 16.11 -15.16
C THR B 69 15.64 15.09 -15.99
N PHE B 70 14.91 15.56 -17.00
CA PHE B 70 14.10 14.69 -17.84
C PHE B 70 14.78 14.48 -19.18
N THR B 71 14.74 13.25 -19.66
CA THR B 71 15.19 12.92 -21.00
C THR B 71 14.23 11.88 -21.58
N ALA B 72 14.28 11.71 -22.90
CA ALA B 72 13.50 10.68 -23.57
C ALA B 72 14.23 10.23 -24.83
N ASP B 73 14.22 8.93 -25.08
CA ASP B 73 14.75 8.37 -26.32
C ASP B 73 13.61 7.79 -27.12
N SER B 74 13.32 8.45 -28.24
CA SER B 74 12.23 8.04 -29.12
C SER B 74 12.47 6.67 -29.76
N SER B 75 13.75 6.33 -29.96
CA SER B 75 14.12 5.03 -30.55
C SER B 75 13.72 3.85 -29.67
N SER B 76 13.87 4.00 -28.35
CA SER B 76 13.54 2.94 -27.40
C SER B 76 12.20 3.17 -26.68
N ASN B 77 11.48 4.21 -27.10
CA ASN B 77 10.22 4.64 -26.45
C ASN B 77 10.32 4.72 -24.93
N THR B 78 11.43 5.28 -24.44
CA THR B 78 11.70 5.31 -23.02
C THR B 78 11.98 6.73 -22.54
N ALA B 79 11.27 7.12 -21.48
CA ALA B 79 11.53 8.39 -20.81
C ALA B 79 12.29 8.13 -19.52
N TYR B 80 13.11 9.10 -19.11
CA TYR B 80 13.93 8.97 -17.90
C TYR B 80 13.83 10.20 -17.02
N MET B 81 13.88 9.98 -15.71
CA MET B 81 14.04 11.05 -14.75
C MET B 81 15.22 10.74 -13.88
N GLN B 82 16.16 11.67 -13.84
CA GLN B 82 17.30 11.58 -12.95
C GLN B 82 17.13 12.56 -11.80
N LEU B 83 17.37 12.08 -10.58
CA LEU B 83 17.31 12.90 -9.38
C LEU B 83 18.71 13.00 -8.80
N SER B 84 19.19 14.22 -8.61
CA SER B 84 20.58 14.46 -8.19
C SER B 84 20.69 14.89 -6.72
N SER B 85 21.92 14.86 -6.21
CA SER B 85 22.22 15.29 -4.83
C SER B 85 21.17 14.81 -3.84
N LEU B 86 20.97 13.49 -3.79
CA LEU B 86 19.85 12.90 -3.05
C LEU B 86 19.92 13.17 -1.56
N THR B 87 18.75 13.40 -0.96
CA THR B 87 18.60 13.49 0.48
C THR B 87 17.43 12.61 0.89
N SER B 88 17.26 12.41 2.20
CA SER B 88 16.15 11.61 2.75
C SER B 88 14.79 12.13 2.30
N GLU B 89 14.71 13.42 1.97
CA GLU B 89 13.47 14.04 1.47
C GLU B 89 13.12 13.55 0.06
N ASP B 90 14.09 12.98 -0.64
CA ASP B 90 13.86 12.43 -1.98
C ASP B 90 13.35 10.98 -1.92
N SER B 91 13.32 10.39 -0.74
CA SER B 91 12.74 9.05 -0.57
C SER B 91 11.23 9.15 -0.78
N ALA B 92 10.72 8.39 -1.75
CA ALA B 92 9.33 8.46 -2.20
C ALA B 92 9.06 7.48 -3.33
N VAL B 93 7.78 7.30 -3.63
CA VAL B 93 7.35 6.61 -4.84
C VAL B 93 7.29 7.66 -5.95
N TYR B 94 7.86 7.33 -7.10
CA TYR B 94 7.85 8.22 -8.27
C TYR B 94 7.06 7.57 -9.40
N TYR B 95 6.12 8.31 -9.97
CA TYR B 95 5.32 7.83 -11.08
C TYR B 95 5.66 8.59 -12.35
N CYS B 96 5.67 7.87 -13.46
CA CYS B 96 5.49 8.49 -14.76
C CYS B 96 4.05 8.27 -15.19
N ALA B 97 3.58 9.14 -16.07
CA ALA B 97 2.22 9.10 -16.54
C ALA B 97 2.19 9.75 -17.90
N ARG B 98 1.17 9.43 -18.69
CA ARG B 98 1.03 9.97 -20.02
C ARG B 98 -0.17 10.89 -20.09
N SER B 99 -0.03 12.01 -20.79
CA SER B 99 -1.13 12.95 -21.02
C SER B 99 -2.27 12.30 -21.82
N GLY B 100 -3.46 12.89 -21.73
CA GLY B 100 -4.67 12.28 -22.29
C GLY B 100 -4.81 12.38 -23.80
N TYR B 101 -5.64 11.51 -24.36
CA TYR B 101 -5.92 11.50 -25.80
C TYR B 101 -6.53 12.82 -26.30
N TYR B 102 -7.38 13.42 -25.48
CA TYR B 102 -8.23 14.52 -25.93
C TYR B 102 -7.61 15.92 -25.74
N GLY B 103 -6.54 16.00 -24.95
CA GLY B 103 -5.87 17.29 -24.72
C GLY B 103 -6.34 17.96 -23.45
N ASN B 104 -5.38 18.34 -22.60
CA ASN B 104 -5.66 18.86 -21.25
C ASN B 104 -6.72 18.01 -20.57
N SER B 105 -6.61 16.70 -20.77
CA SER B 105 -7.67 15.80 -20.34
C SER B 105 -7.16 14.81 -19.29
N GLY B 106 -6.22 15.27 -18.47
CA GLY B 106 -5.73 14.45 -17.35
C GLY B 106 -4.63 13.49 -17.74
N PHE B 107 -4.01 12.88 -16.74
CA PHE B 107 -3.04 11.83 -17.00
C PHE B 107 -3.79 10.49 -17.05
N ALA B 108 -4.00 9.97 -18.26
CA ALA B 108 -4.89 8.82 -18.46
C ALA B 108 -4.26 7.47 -18.15
N TYR B 109 -2.95 7.38 -18.30
CA TYR B 109 -2.24 6.13 -18.08
C TYR B 109 -1.06 6.39 -17.15
N TRP B 110 -0.86 5.49 -16.20
CA TRP B 110 0.18 5.66 -15.20
C TRP B 110 1.10 4.45 -15.17
N GLY B 111 2.37 4.71 -14.90
CA GLY B 111 3.32 3.65 -14.57
C GLY B 111 2.99 3.08 -13.20
N GLN B 112 3.60 1.94 -12.85
CA GLN B 112 3.29 1.27 -11.58
C GLN B 112 3.95 1.96 -10.37
N GLY B 113 4.83 2.91 -10.64
CA GLY B 113 5.57 3.60 -9.58
C GLY B 113 6.91 2.95 -9.28
N THR B 114 7.88 3.78 -8.91
CA THR B 114 9.19 3.30 -8.50
C THR B 114 9.53 3.82 -7.12
N LEU B 115 9.78 2.90 -6.17
CA LEU B 115 10.15 3.32 -4.82
C LEU B 115 11.66 3.61 -4.73
N VAL B 116 11.99 4.84 -4.35
CA VAL B 116 13.38 5.25 -4.15
C VAL B 116 13.64 5.46 -2.66
N THR B 117 14.66 4.77 -2.14
CA THR B 117 15.09 4.95 -0.76
C THR B 117 16.47 5.63 -0.74
N VAL B 118 16.58 6.70 0.04
CA VAL B 118 17.86 7.40 0.21
C VAL B 118 18.36 7.11 1.63
N SER B 119 19.36 6.24 1.71
CA SER B 119 19.93 5.78 2.98
C SER B 119 21.38 5.30 2.85
N ALA B 120 22.12 5.45 3.94
CA ALA B 120 23.50 4.96 4.03
C ALA B 120 23.54 3.46 4.30
N ALA B 121 22.45 2.94 4.85
CA ALA B 121 22.35 1.52 5.21
C ALA B 121 22.52 0.60 4.00
N SER B 122 23.10 -0.57 4.24
CA SER B 122 23.35 -1.54 3.17
C SER B 122 22.11 -2.37 2.84
N THR B 123 22.06 -2.87 1.61
CA THR B 123 21.02 -3.79 1.17
C THR B 123 21.11 -5.11 1.94
N LYS B 124 19.95 -5.66 2.32
CA LYS B 124 19.90 -6.94 3.01
C LYS B 124 18.65 -7.72 2.63
N GLY B 125 18.84 -8.97 2.22
CA GLY B 125 17.74 -9.86 1.90
C GLY B 125 17.00 -10.29 3.15
N PRO B 126 15.72 -10.69 3.02
CA PRO B 126 14.95 -11.12 4.18
C PRO B 126 15.10 -12.60 4.50
N SER B 127 14.82 -12.96 5.75
CA SER B 127 14.57 -14.35 6.10
C SER B 127 13.07 -14.59 5.99
N VAL B 128 12.68 -15.75 5.48
CA VAL B 128 11.26 -16.08 5.34
C VAL B 128 10.91 -17.30 6.20
N PHE B 129 9.97 -17.11 7.12
CA PHE B 129 9.55 -18.16 8.05
C PHE B 129 8.07 -18.48 7.88
N PRO B 130 7.69 -19.76 8.01
CA PRO B 130 6.27 -20.08 7.91
C PRO B 130 5.49 -19.68 9.15
N LEU B 131 4.23 -19.29 8.94
CA LEU B 131 3.24 -19.14 9.99
C LEU B 131 2.27 -20.31 9.78
N ALA B 132 2.56 -21.43 10.43
CA ALA B 132 1.90 -22.69 10.13
C ALA B 132 0.45 -22.72 10.58
N PRO B 133 -0.44 -23.29 9.74
CA PRO B 133 -1.84 -23.45 10.17
C PRO B 133 -1.95 -24.58 11.18
N SER B 134 -2.70 -24.33 12.25
CA SER B 134 -2.93 -25.30 13.31
C SER B 134 -4.30 -25.01 13.94
N SER B 135 -4.64 -25.78 14.97
CA SER B 135 -5.87 -25.54 15.72
C SER B 135 -5.86 -24.18 16.44
N LYS B 136 -4.67 -23.61 16.64
CA LYS B 136 -4.53 -22.28 17.26
C LYS B 136 -4.79 -21.14 16.26
N SER B 137 -4.77 -21.46 14.98
CA SER B 137 -5.10 -20.49 13.94
C SER B 137 -6.30 -20.96 13.13
N THR B 138 -7.22 -21.66 13.81
CA THR B 138 -8.44 -22.17 13.21
C THR B 138 -9.66 -21.74 14.03
N SER B 139 -10.67 -21.20 13.33
CA SER B 139 -11.95 -20.86 13.95
C SER B 139 -13.09 -21.16 12.99
N GLY B 140 -14.02 -22.02 13.42
CA GLY B 140 -15.18 -22.40 12.64
C GLY B 140 -14.87 -23.00 11.28
N GLY B 141 -13.80 -23.80 11.21
CA GLY B 141 -13.42 -24.48 9.98
C GLY B 141 -12.57 -23.69 8.99
N THR B 142 -12.32 -22.41 9.29
CA THR B 142 -11.42 -21.59 8.47
C THR B 142 -10.06 -21.53 9.13
N ALA B 143 -9.00 -21.72 8.34
CA ALA B 143 -7.65 -21.76 8.89
C ALA B 143 -6.76 -20.64 8.34
N ALA B 144 -6.15 -19.89 9.25
CA ALA B 144 -5.15 -18.88 8.88
C ALA B 144 -3.76 -19.50 8.78
N LEU B 145 -3.01 -19.07 7.76
CA LEU B 145 -1.61 -19.42 7.60
C LEU B 145 -0.90 -18.27 6.89
N GLY B 146 0.42 -18.29 6.86
CA GLY B 146 1.16 -17.18 6.28
C GLY B 146 2.66 -17.37 6.24
N CYS B 147 3.36 -16.28 5.93
CA CYS B 147 4.81 -16.21 6.04
C CYS B 147 5.24 -14.91 6.68
N LEU B 148 6.22 -15.00 7.57
CA LEU B 148 6.85 -13.82 8.15
C LEU B 148 8.11 -13.49 7.34
N VAL B 149 8.17 -12.26 6.84
CA VAL B 149 9.27 -11.81 5.98
C VAL B 149 10.07 -10.80 6.79
N LYS B 150 11.19 -11.25 7.35
CA LYS B 150 11.85 -10.52 8.44
C LYS B 150 13.25 -10.06 8.09
N ASP B 151 13.61 -8.87 8.56
CA ASP B 151 15.00 -8.36 8.52
C ASP B 151 15.53 -8.04 7.12
N TYR B 152 14.82 -7.21 6.37
CA TYR B 152 15.28 -6.77 5.06
C TYR B 152 15.42 -5.24 4.94
N PHE B 153 16.21 -4.83 3.97
CA PHE B 153 16.39 -3.42 3.63
C PHE B 153 16.90 -3.35 2.19
N PRO B 154 16.37 -2.40 1.40
CA PRO B 154 15.27 -1.50 1.75
C PRO B 154 13.92 -2.14 1.39
N GLU B 155 12.85 -1.37 1.56
CA GLU B 155 11.58 -1.69 0.94
C GLU B 155 11.73 -1.63 -0.59
N PRO B 156 10.89 -2.35 -1.35
CA PRO B 156 9.79 -3.20 -0.92
C PRO B 156 10.03 -4.69 -1.12
N VAL B 157 9.17 -5.50 -0.52
CA VAL B 157 9.08 -6.92 -0.84
C VAL B 157 7.71 -7.19 -1.43
N THR B 158 7.60 -8.21 -2.27
CA THR B 158 6.28 -8.67 -2.72
C THR B 158 6.04 -10.09 -2.21
N VAL B 159 4.79 -10.39 -1.88
CA VAL B 159 4.39 -11.74 -1.51
C VAL B 159 3.19 -12.15 -2.35
N SER B 160 3.30 -13.32 -2.95
CA SER B 160 2.17 -13.92 -3.65
C SER B 160 1.95 -15.32 -3.07
N TRP B 161 0.79 -15.91 -3.38
CA TRP B 161 0.47 -17.23 -2.85
C TRP B 161 0.12 -18.20 -3.96
N ASN B 162 0.77 -19.36 -3.94
CA ASN B 162 0.60 -20.39 -4.96
C ASN B 162 0.75 -19.82 -6.37
N SER B 163 1.78 -18.97 -6.52
CA SER B 163 2.15 -18.32 -7.80
C SER B 163 1.08 -17.41 -8.40
N GLY B 164 0.21 -16.88 -7.53
CA GLY B 164 -0.84 -15.95 -7.95
C GLY B 164 -2.22 -16.57 -8.08
N ALA B 165 -2.29 -17.89 -7.95
CA ALA B 165 -3.55 -18.63 -8.02
C ALA B 165 -4.43 -18.39 -6.78
N LEU B 166 -3.80 -18.09 -5.65
CA LEU B 166 -4.50 -17.83 -4.40
C LEU B 166 -4.43 -16.34 -4.03
N THR B 167 -5.56 -15.64 -4.21
CA THR B 167 -5.64 -14.21 -3.91
C THR B 167 -6.74 -13.89 -2.89
N SER B 168 -7.75 -14.76 -2.81
CA SER B 168 -8.86 -14.58 -1.89
C SER B 168 -8.43 -14.73 -0.42
N GLY B 169 -8.78 -13.74 0.39
CA GLY B 169 -8.48 -13.76 1.82
C GLY B 169 -7.04 -13.48 2.21
N VAL B 170 -6.24 -13.00 1.26
CA VAL B 170 -4.85 -12.65 1.52
C VAL B 170 -4.78 -11.24 2.11
N HIS B 171 -4.04 -11.10 3.22
CA HIS B 171 -3.67 -9.80 3.75
C HIS B 171 -2.16 -9.72 3.91
N THR B 172 -1.55 -8.85 3.11
CA THR B 172 -0.12 -8.55 3.25
C THR B 172 0.01 -7.21 3.97
N PHE B 173 0.57 -7.26 5.18
CA PHE B 173 0.64 -6.10 6.04
C PHE B 173 1.69 -5.10 5.61
N PRO B 174 1.45 -3.80 5.87
CA PRO B 174 2.47 -2.78 5.72
C PRO B 174 3.71 -3.17 6.53
N ALA B 175 4.88 -2.98 5.95
CA ALA B 175 6.13 -3.27 6.63
C ALA B 175 6.29 -2.36 7.84
N VAL B 176 6.89 -2.89 8.89
CA VAL B 176 7.28 -2.07 10.04
C VAL B 176 8.81 -2.00 10.11
N LEU B 177 9.32 -0.81 10.38
CA LEU B 177 10.74 -0.64 10.61
C LEU B 177 11.05 -1.06 12.04
N GLN B 178 11.84 -2.13 12.17
CA GLN B 178 12.26 -2.64 13.48
C GLN B 178 13.29 -1.71 14.08
N SER B 179 13.57 -1.88 15.39
CA SER B 179 14.56 -1.05 16.07
C SER B 179 15.95 -1.18 15.43
N SER B 180 16.24 -2.38 14.92
CA SER B 180 17.50 -2.67 14.22
C SER B 180 17.72 -1.81 12.97
N GLY B 181 16.65 -1.23 12.44
CA GLY B 181 16.73 -0.45 11.20
C GLY B 181 16.40 -1.31 9.98
N LEU B 182 15.96 -2.53 10.23
CA LEU B 182 15.54 -3.43 9.17
C LEU B 182 14.02 -3.55 9.16
N TYR B 183 13.46 -3.89 8.01
CA TYR B 183 12.03 -4.05 7.85
C TYR B 183 11.56 -5.47 8.15
N SER B 184 10.31 -5.57 8.59
CA SER B 184 9.65 -6.84 8.77
C SER B 184 8.18 -6.70 8.36
N LEU B 185 7.63 -7.76 7.78
CA LEU B 185 6.19 -7.84 7.55
C LEU B 185 5.71 -9.27 7.52
N SER B 186 4.39 -9.43 7.63
CA SER B 186 3.76 -10.74 7.48
C SER B 186 2.72 -10.68 6.37
N SER B 187 2.59 -11.79 5.66
CA SER B 187 1.52 -12.00 4.71
C SER B 187 0.73 -13.22 5.17
N VAL B 188 -0.59 -13.03 5.30
CA VAL B 188 -1.46 -14.09 5.80
C VAL B 188 -2.59 -14.39 4.84
N VAL B 189 -3.20 -15.56 4.98
CA VAL B 189 -4.31 -15.98 4.15
C VAL B 189 -5.20 -16.98 4.90
N THR B 190 -6.52 -16.79 4.79
CA THR B 190 -7.48 -17.71 5.40
C THR B 190 -8.02 -18.69 4.36
N VAL B 191 -8.20 -19.94 4.79
CA VAL B 191 -8.60 -21.04 3.90
C VAL B 191 -9.37 -22.10 4.72
N PRO B 192 -10.20 -22.95 4.07
CA PRO B 192 -10.81 -24.05 4.82
C PRO B 192 -9.78 -24.99 5.43
N SER B 193 -9.97 -25.31 6.71
CA SER B 193 -9.03 -26.15 7.47
C SER B 193 -8.97 -27.60 7.00
N SER B 194 -9.96 -28.01 6.20
CA SER B 194 -10.01 -29.38 5.67
C SER B 194 -9.04 -29.58 4.50
N SER B 195 -8.73 -28.50 3.79
CA SER B 195 -7.81 -28.55 2.64
C SER B 195 -6.34 -28.55 3.04
N LEU B 196 -6.08 -28.39 4.35
CA LEU B 196 -4.72 -28.40 4.90
C LEU B 196 -3.93 -29.67 4.55
N GLY B 197 -4.61 -30.80 4.51
CA GLY B 197 -3.97 -32.09 4.21
C GLY B 197 -3.84 -32.43 2.74
N THR B 198 -4.65 -31.80 1.90
CA THR B 198 -4.69 -32.13 0.46
C THR B 198 -4.23 -31.00 -0.47
N GLN B 199 -4.13 -29.78 0.06
CA GLN B 199 -3.69 -28.63 -0.74
C GLN B 199 -2.37 -28.05 -0.23
N THR B 200 -1.45 -27.82 -1.15
CA THR B 200 -0.14 -27.26 -0.82
C THR B 200 -0.22 -25.72 -0.84
N TYR B 201 0.31 -25.10 0.21
CA TYR B 201 0.34 -23.64 0.31
C TYR B 201 1.77 -23.10 0.35
N ILE B 202 2.09 -22.26 -0.63
CA ILE B 202 3.43 -21.72 -0.82
C ILE B 202 3.36 -20.21 -0.96
N CYS B 203 4.12 -19.49 -0.13
CA CYS B 203 4.28 -18.05 -0.32
C CYS B 203 5.51 -17.78 -1.16
N ASN B 204 5.32 -16.95 -2.18
CA ASN B 204 6.39 -16.56 -3.09
C ASN B 204 6.83 -15.17 -2.71
N VAL B 205 8.02 -15.08 -2.12
CA VAL B 205 8.54 -13.82 -1.62
C VAL B 205 9.65 -13.33 -2.55
N ASN B 206 9.54 -12.07 -2.98
CA ASN B 206 10.59 -11.47 -3.79
C ASN B 206 11.03 -10.14 -3.19
N HIS B 207 12.33 -10.04 -2.93
CA HIS B 207 12.96 -8.79 -2.53
C HIS B 207 13.97 -8.42 -3.61
N LYS B 208 13.46 -7.76 -4.65
CA LYS B 208 14.26 -7.41 -5.83
C LYS B 208 15.54 -6.60 -5.58
N PRO B 209 15.55 -5.65 -4.62
CA PRO B 209 16.77 -4.89 -4.37
C PRO B 209 17.99 -5.73 -3.97
N SER B 210 17.75 -6.92 -3.42
CA SER B 210 18.82 -7.82 -2.99
C SER B 210 18.89 -9.09 -3.85
N ASN B 211 18.07 -9.13 -4.91
CA ASN B 211 17.92 -10.30 -5.77
C ASN B 211 17.58 -11.58 -5.02
N THR B 212 16.68 -11.45 -4.03
CA THR B 212 16.26 -12.59 -3.21
C THR B 212 14.85 -13.05 -3.59
N LYS B 213 14.76 -14.30 -4.05
CA LYS B 213 13.49 -14.96 -4.29
C LYS B 213 13.42 -16.21 -3.42
N VAL B 214 12.41 -16.27 -2.57
CA VAL B 214 12.18 -17.44 -1.73
C VAL B 214 10.75 -17.96 -1.95
N ASP B 215 10.65 -19.26 -2.21
CA ASP B 215 9.36 -19.94 -2.24
C ASP B 215 9.30 -20.82 -1.01
N LYS B 216 8.44 -20.45 -0.06
CA LYS B 216 8.35 -21.16 1.20
C LYS B 216 7.04 -21.96 1.31
N LYS B 217 7.18 -23.28 1.35
CA LYS B 217 6.05 -24.18 1.58
C LYS B 217 5.63 -24.10 3.03
N VAL B 218 4.37 -23.76 3.26
CA VAL B 218 3.82 -23.62 4.60
C VAL B 218 3.08 -24.91 4.98
N GLU B 219 3.69 -25.69 5.86
CA GLU B 219 3.15 -26.99 6.27
C GLU B 219 2.31 -26.89 7.54
N PRO B 220 1.16 -27.58 7.57
CA PRO B 220 0.31 -27.59 8.75
C PRO B 220 0.98 -28.25 9.94
N LYS B 221 0.63 -27.80 11.14
CA LYS B 221 1.13 -28.38 12.37
C LYS B 221 -0.03 -28.89 13.21
N SER B 222 0.23 -29.96 13.97
CA SER B 222 -0.74 -30.50 14.92
C SER B 222 -0.45 -29.96 16.33
N CYS B 223 -1.52 -29.76 17.11
CA CYS B 223 -1.40 -29.27 18.48
C CYS B 223 -1.86 -30.31 19.49
N HIS B 224 -1.09 -30.48 20.56
CA HIS B 224 -1.45 -31.39 21.65
C HIS B 224 -0.78 -30.96 22.94
N HIS B 225 -1.53 -30.98 24.03
CA HIS B 225 -1.01 -30.65 25.35
C HIS B 225 0.02 -31.69 25.79
N HIS B 226 1.00 -31.23 26.57
CA HIS B 226 2.07 -32.11 27.04
C HIS B 226 1.57 -32.98 28.20
N HIS B 227 1.24 -34.22 27.89
CA HIS B 227 0.72 -35.17 28.88
C HIS B 227 1.22 -36.59 28.59
N HIS B 228 1.34 -37.39 29.65
CA HIS B 228 1.70 -38.80 29.52
C HIS B 228 0.45 -39.65 29.28
N HIS B 229 0.55 -40.55 28.32
CA HIS B 229 -0.54 -41.49 28.02
C HIS B 229 -0.26 -42.84 28.66
#